data_6G0N
#
_entry.id   6G0N
#
_cell.length_a   60.973
_cell.length_b   79.694
_cell.length_c   88.010
_cell.angle_alpha   90.00
_cell.angle_beta   90.00
_cell.angle_gamma   90.00
#
_symmetry.space_group_name_H-M   'P 21 21 21'
#
loop_
_entity.id
_entity.type
_entity.pdbx_description
1 polymer 'Glycoside hydrolase family 8 domain protein'
2 branched beta-D-xylopyranose-(1-4)-beta-D-xylopyranose-(1-4)-beta-D-xylopyranose-(1-4)-beta-D-xylopyranose-(1-4)-beta-D-xylopyranose
3 non-polymer beta-D-xylopyranose
4 non-polymer GLYCEROL
5 water water
#
_entity_poly.entity_id   1
_entity_poly.type   'polypeptide(L)'
_entity_poly.pdbx_seq_one_letter_code
;GPAAGAVATGEYRNLFAEIGKSEIDIQRKIDEAFQHLFYGDAKDAAVYYQAGGNENGPLAYVYDVNSNDVRSEGMSYGMM
ITVQMDKKAEFDAIWNWAKTYMYQDSPTHPAFGYFAWSMRRDGVANDDMPAPDGEEYFVTALYFAAARWGNGEGIFNYQQ
EADTILSRMRHRQVITGPTNRGVMTATNLFHPEEAQVRFTPDINNADHTDASYHLPSFYEIWARVAPQEDRAFWAKAADV
SRDYFAKAAHPVTALTPDYGNFDGTPWAASWRPESVDFRYNAWRSVMNWSMDYAWWGKDSGAPARSDKLLAFFETQEGKM
NHLYSLDGKPLGGGPTLGLISMNATAAMAATDPRWHNFVEKLWQQQPPTGQYRYYDGVLYLMALLHCAGEYKAWIPDGE
;
_entity_poly.pdbx_strand_id   A
#
loop_
_chem_comp.id
_chem_comp.type
_chem_comp.name
_chem_comp.formula
GOL non-polymer GLYCEROL 'C3 H8 O3'
XYP D-saccharide, beta linking beta-D-xylopyranose 'C5 H10 O5'
#
# COMPACT_ATOMS: atom_id res chain seq x y z
N GLY A 5 -15.19 -14.94 5.78
CA GLY A 5 -14.20 -13.84 5.94
C GLY A 5 -14.61 -12.83 7.00
N ALA A 6 -13.65 -12.02 7.43
CA ALA A 6 -13.90 -11.01 8.45
C ALA A 6 -14.94 -9.98 8.10
N VAL A 7 -15.09 -9.61 6.83
CA VAL A 7 -16.05 -8.57 6.51
C VAL A 7 -17.49 -9.07 6.79
N ALA A 8 -17.77 -10.31 6.39
CA ALA A 8 -19.10 -10.91 6.56
C ALA A 8 -19.43 -11.10 8.04
N THR A 9 -18.46 -11.58 8.83
CA THR A 9 -18.70 -11.82 10.25
C THR A 9 -18.54 -10.58 11.12
N GLY A 10 -17.81 -9.56 10.66
CA GLY A 10 -17.37 -8.46 11.51
C GLY A 10 -16.24 -8.81 12.50
N GLU A 11 -15.76 -10.06 12.52
CA GLU A 11 -14.74 -10.51 13.45
C GLU A 11 -13.36 -10.59 12.78
N TYR A 12 -12.49 -9.64 13.11
CA TYR A 12 -11.15 -9.63 12.54
C TYR A 12 -10.24 -10.35 13.51
N ARG A 13 -9.36 -11.19 13.00
CA ARG A 13 -8.46 -11.93 13.87
C ARG A 13 -7.45 -11.01 14.56
N ASN A 14 -7.32 -11.19 15.87
CA ASN A 14 -6.28 -10.51 16.62
C ASN A 14 -5.12 -11.51 16.77
N LEU A 15 -4.17 -11.45 15.83
CA LEU A 15 -3.09 -12.45 15.77
C LEU A 15 -2.17 -12.34 16.97
N PHE A 16 -2.00 -11.12 17.48
CA PHE A 16 -1.21 -10.94 18.71
C PHE A 16 -1.87 -11.58 19.94
N ALA A 17 -3.17 -11.38 20.10
CA ALA A 17 -3.95 -12.08 21.11
C ALA A 17 -3.85 -13.60 20.92
N GLU A 18 -3.87 -14.07 19.68
CA GLU A 18 -3.73 -15.51 19.43
C GLU A 18 -2.39 -16.07 19.85
N ILE A 19 -1.33 -15.26 19.83
CA ILE A 19 -0.06 -15.76 20.37
C ILE A 19 0.16 -15.36 21.85
N GLY A 20 -0.89 -14.93 22.55
CA GLY A 20 -0.86 -14.74 23.99
C GLY A 20 -0.63 -13.33 24.53
N LYS A 21 -0.63 -12.30 23.68
CA LYS A 21 -0.44 -10.93 24.18
C LYS A 21 -1.75 -10.36 24.76
N SER A 22 -1.66 -9.54 25.79
CA SER A 22 -2.82 -8.94 26.43
C SER A 22 -3.31 -7.75 25.58
N GLU A 23 -4.60 -7.44 25.65
CA GLU A 23 -5.11 -6.30 24.89
C GLU A 23 -4.48 -4.98 25.34
N ILE A 24 -4.25 -4.79 26.64
CA ILE A 24 -3.56 -3.56 27.14
C ILE A 24 -2.17 -3.43 26.49
N ASP A 25 -1.42 -4.54 26.38
CA ASP A 25 -0.09 -4.48 25.79
C ASP A 25 -0.12 -4.25 24.28
N ILE A 26 -1.13 -4.81 23.61
CA ILE A 26 -1.28 -4.64 22.16
C ILE A 26 -1.59 -3.17 21.89
N GLN A 27 -2.50 -2.60 22.68
CA GLN A 27 -2.81 -1.17 22.53
C GLN A 27 -1.59 -0.28 22.79
N ARG A 28 -0.81 -0.60 23.83
CA ARG A 28 0.45 0.14 24.08
C ARG A 28 1.39 0.10 22.88
N LYS A 29 1.55 -1.08 22.31
CA LYS A 29 2.43 -1.31 21.20
C LYS A 29 2.02 -0.45 19.98
N ILE A 30 0.74 -0.44 19.66
CA ILE A 30 0.27 0.36 18.52
C ILE A 30 0.43 1.86 18.76
N ASP A 31 0.01 2.29 19.95
N ASP A 31 0.02 2.33 19.95
CA ASP A 31 0.09 3.69 20.36
CA ASP A 31 0.11 3.74 20.30
C ASP A 31 1.54 4.20 20.37
C ASP A 31 1.57 4.20 20.34
N GLU A 32 2.47 3.35 20.82
CA GLU A 32 3.91 3.70 20.82
C GLU A 32 4.38 3.89 19.38
N ALA A 33 4.01 2.96 18.52
CA ALA A 33 4.39 3.03 17.12
C ALA A 33 3.90 4.36 16.50
N PHE A 34 2.65 4.68 16.74
CA PHE A 34 2.04 5.87 16.18
C PHE A 34 2.69 7.14 16.74
N GLN A 35 2.88 7.18 18.05
CA GLN A 35 3.46 8.38 18.69
C GLN A 35 4.89 8.63 18.23
N HIS A 36 5.66 7.56 18.07
CA HIS A 36 7.03 7.71 17.56
C HIS A 36 7.07 8.19 16.12
N LEU A 37 6.30 7.53 15.24
CA LEU A 37 6.36 7.82 13.79
C LEU A 37 5.68 9.14 13.46
N PHE A 38 4.65 9.52 14.22
CA PHE A 38 3.92 10.75 13.94
C PHE A 38 4.44 11.94 14.74
N TYR A 39 4.91 11.70 15.98
CA TYR A 39 5.24 12.80 16.89
C TYR A 39 6.57 12.65 17.64
N GLY A 40 7.42 11.72 17.17
CA GLY A 40 8.71 11.47 17.78
C GLY A 40 9.68 12.55 17.37
N ASP A 41 10.93 12.39 17.78
CA ASP A 41 11.96 13.36 17.49
C ASP A 41 12.04 13.59 15.97
N ALA A 42 12.06 14.87 15.57
CA ALA A 42 12.02 15.19 14.13
C ALA A 42 13.22 14.63 13.33
N LYS A 43 14.39 14.50 13.96
CA LYS A 43 15.58 14.11 13.24
C LYS A 43 15.77 12.58 13.22
N ASP A 44 15.32 11.88 14.25
CA ASP A 44 15.66 10.46 14.44
C ASP A 44 14.46 9.49 14.36
N ALA A 45 13.23 9.96 14.56
CA ALA A 45 12.07 9.06 14.78
C ALA A 45 10.81 9.34 13.92
N ALA A 46 10.43 10.61 13.83
CA ALA A 46 9.21 11.01 13.13
C ALA A 46 9.35 10.93 11.61
N VAL A 47 8.26 10.58 10.95
CA VAL A 47 8.16 10.65 9.48
C VAL A 47 7.03 11.57 9.06
N TYR A 48 6.40 12.24 10.04
CA TYR A 48 5.23 13.10 9.82
C TYR A 48 5.66 14.52 10.20
N TYR A 49 5.34 15.50 9.36
CA TYR A 49 5.72 16.87 9.59
C TYR A 49 4.51 17.78 9.40
N GLN A 50 4.29 18.70 10.35
CA GLN A 50 3.19 19.66 10.25
C GLN A 50 3.68 20.89 9.50
N ALA A 51 2.97 21.25 8.43
CA ALA A 51 3.49 22.20 7.44
C ALA A 51 2.53 23.36 7.26
N GLY A 52 2.20 23.99 8.36
CA GLY A 52 1.30 25.17 8.31
C GLY A 52 -0.11 24.77 7.94
N GLY A 53 -0.81 25.66 7.21
CA GLY A 53 -2.19 25.43 6.84
C GLY A 53 -2.62 26.31 5.69
N ASN A 54 -3.84 26.09 5.23
CA ASN A 54 -4.40 26.89 4.14
C ASN A 54 -5.89 27.04 4.37
N GLU A 55 -6.65 27.35 3.34
CA GLU A 55 -8.08 27.52 3.46
C GLU A 55 -8.84 26.29 3.97
N ASN A 56 -8.26 25.11 3.83
CA ASN A 56 -8.86 23.87 4.29
C ASN A 56 -8.41 23.49 5.69
N GLY A 57 -7.58 24.33 6.31
CA GLY A 57 -7.04 24.05 7.64
C GLY A 57 -5.63 23.49 7.54
N PRO A 58 -5.21 22.76 8.57
CA PRO A 58 -3.83 22.29 8.65
C PRO A 58 -3.37 21.43 7.46
N LEU A 59 -2.09 21.55 7.15
CA LEU A 59 -1.38 20.73 6.16
C LEU A 59 -0.32 19.91 6.87
N ALA A 60 -0.14 18.65 6.44
CA ALA A 60 0.92 17.83 6.98
C ALA A 60 1.30 16.81 5.94
N TYR A 61 2.49 16.26 6.08
CA TYR A 61 2.87 15.14 5.23
C TYR A 61 3.67 14.10 5.95
N VAL A 62 3.49 12.87 5.48
CA VAL A 62 4.41 11.78 5.72
C VAL A 62 5.47 11.86 4.66
N TYR A 63 6.73 11.68 5.04
CA TYR A 63 7.78 11.80 4.04
C TYR A 63 8.97 10.85 4.22
N ASP A 64 9.64 10.59 3.11
CA ASP A 64 10.88 9.85 3.12
C ASP A 64 11.98 10.74 3.68
N VAL A 65 12.33 10.49 4.93
CA VAL A 65 13.32 11.30 5.60
C VAL A 65 14.71 11.09 5.01
N ASN A 66 14.94 9.97 4.30
CA ASN A 66 16.23 9.73 3.62
C ASN A 66 16.44 10.78 2.51
N SER A 67 15.63 10.68 1.43
CA SER A 67 15.68 11.60 0.30
C SER A 67 15.24 13.03 0.66
N ASN A 68 14.46 13.15 1.73
CA ASN A 68 13.83 14.41 2.18
C ASN A 68 12.67 14.81 1.27
N ASP A 69 12.11 13.83 0.54
CA ASP A 69 11.03 14.07 -0.41
C ASP A 69 9.78 13.33 0.03
N VAL A 70 8.65 13.91 -0.36
CA VAL A 70 7.32 13.29 -0.14
C VAL A 70 7.04 12.26 -1.21
N ARG A 71 6.43 11.13 -0.81
CA ARG A 71 6.05 10.05 -1.72
C ARG A 71 4.51 9.92 -1.67
N SER A 72 3.86 9.75 -2.80
CA SER A 72 2.41 9.51 -2.82
C SER A 72 2.05 8.23 -2.05
N GLU A 73 2.88 7.18 -2.13
CA GLU A 73 2.68 5.98 -1.30
C GLU A 73 2.57 6.31 0.18
N GLY A 74 3.54 7.06 0.69
CA GLY A 74 3.61 7.41 2.12
C GLY A 74 2.44 8.24 2.57
N MET A 75 1.99 9.16 1.72
CA MET A 75 0.80 9.96 2.04
C MET A 75 -0.42 9.04 2.12
N SER A 76 -0.56 8.16 1.15
CA SER A 76 -1.73 7.26 1.09
C SER A 76 -1.70 6.23 2.25
N TYR A 77 -0.52 5.73 2.60
CA TYR A 77 -0.39 4.87 3.77
C TYR A 77 -0.70 5.63 5.05
N GLY A 78 -0.18 6.85 5.15
CA GLY A 78 -0.55 7.74 6.24
C GLY A 78 -2.03 7.91 6.42
N MET A 79 -2.76 8.16 5.32
CA MET A 79 -4.20 8.22 5.37
C MET A 79 -4.81 6.90 5.81
N MET A 80 -4.33 5.76 5.28
CA MET A 80 -4.89 4.49 5.71
C MET A 80 -4.66 4.22 7.20
N ILE A 81 -3.45 4.47 7.68
CA ILE A 81 -3.09 4.27 9.09
C ILE A 81 -4.01 5.13 9.97
N THR A 82 -4.15 6.40 9.61
CA THR A 82 -4.91 7.34 10.44
C THR A 82 -6.42 7.03 10.46
N VAL A 83 -7.00 6.66 9.33
CA VAL A 83 -8.41 6.24 9.36
C VAL A 83 -8.59 4.97 10.18
N GLN A 84 -7.69 4.00 10.04
CA GLN A 84 -7.78 2.77 10.83
C GLN A 84 -7.68 3.04 12.31
N MET A 85 -6.88 4.04 12.68
CA MET A 85 -6.65 4.43 14.07
C MET A 85 -7.57 5.53 14.59
N ASP A 86 -8.56 5.91 13.80
CA ASP A 86 -9.52 6.94 14.16
C ASP A 86 -8.89 8.32 14.44
N LYS A 87 -7.88 8.67 13.64
CA LYS A 87 -7.15 9.91 13.81
C LYS A 87 -7.53 10.86 12.70
N LYS A 88 -8.71 11.46 12.83
CA LYS A 88 -9.24 12.34 11.80
C LYS A 88 -8.37 13.57 11.52
N ALA A 89 -7.87 14.19 12.57
CA ALA A 89 -7.12 15.46 12.37
C ALA A 89 -5.90 15.24 11.46
N GLU A 90 -5.18 14.14 11.69
CA GLU A 90 -3.96 13.83 10.95
C GLU A 90 -4.31 13.41 9.53
N PHE A 91 -5.37 12.60 9.40
CA PHE A 91 -5.92 12.22 8.12
C PHE A 91 -6.22 13.44 7.26
N ASP A 92 -6.91 14.42 7.83
CA ASP A 92 -7.37 15.56 7.03
C ASP A 92 -6.21 16.42 6.63
N ALA A 93 -5.17 16.48 7.47
CA ALA A 93 -4.02 17.33 7.20
C ALA A 93 -3.14 16.75 6.09
N ILE A 94 -3.00 15.43 6.10
CA ILE A 94 -2.31 14.67 5.05
C ILE A 94 -3.03 14.80 3.73
N TRP A 95 -4.32 14.51 3.76
CA TRP A 95 -5.17 14.65 2.57
C TRP A 95 -5.10 16.08 1.99
N ASN A 96 -5.19 17.09 2.82
CA ASN A 96 -5.11 18.48 2.36
C ASN A 96 -3.81 18.72 1.60
N TRP A 97 -2.69 18.24 2.13
CA TRP A 97 -1.40 18.40 1.42
C TRP A 97 -1.38 17.63 0.10
N ALA A 98 -1.87 16.38 0.11
CA ALA A 98 -1.84 15.57 -1.12
C ALA A 98 -2.70 16.24 -2.17
N LYS A 99 -3.91 16.64 -1.77
CA LYS A 99 -4.85 17.23 -2.71
C LYS A 99 -4.37 18.64 -3.15
N THR A 100 -3.83 19.43 -2.22
CA THR A 100 -3.32 20.77 -2.55
C THR A 100 -2.10 20.76 -3.44
N TYR A 101 -1.12 19.89 -3.16
CA TYR A 101 0.18 19.95 -3.84
C TYR A 101 0.47 18.83 -4.85
N MET A 102 0.00 17.62 -4.57
CA MET A 102 0.34 16.45 -5.41
C MET A 102 -0.63 16.20 -6.55
N TYR A 103 -1.91 16.46 -6.32
CA TYR A 103 -2.96 16.14 -7.28
C TYR A 103 -2.88 17.05 -8.52
N GLN A 104 -2.90 16.43 -9.68
CA GLN A 104 -2.86 17.16 -10.95
C GLN A 104 -4.27 17.44 -11.47
N ASP A 105 -4.66 18.71 -11.43
CA ASP A 105 -6.01 19.15 -11.74
C ASP A 105 -6.16 19.77 -13.14
N SER A 106 -5.08 19.96 -13.88
CA SER A 106 -5.18 20.51 -15.24
C SER A 106 -5.59 19.41 -16.26
N PRO A 107 -6.72 19.58 -16.97
CA PRO A 107 -7.13 18.56 -17.96
C PRO A 107 -6.26 18.43 -19.23
N THR A 108 -5.31 19.33 -19.45
CA THR A 108 -4.38 19.24 -20.56
C THR A 108 -3.00 18.70 -20.14
N HIS A 109 -2.85 18.42 -18.83
CA HIS A 109 -1.62 17.80 -18.33
C HIS A 109 -1.76 16.27 -18.43
N PRO A 110 -0.72 15.56 -18.91
CA PRO A 110 -0.84 14.11 -19.03
C PRO A 110 -1.07 13.33 -17.72
N ALA A 111 -0.75 13.94 -16.58
CA ALA A 111 -1.05 13.31 -15.27
C ALA A 111 -2.38 13.73 -14.67
N PHE A 112 -3.24 14.38 -15.45
CA PHE A 112 -4.56 14.77 -15.02
C PHE A 112 -5.28 13.66 -14.21
N GLY A 113 -5.68 14.01 -12.99
CA GLY A 113 -6.35 13.07 -12.10
C GLY A 113 -5.43 12.20 -11.29
N TYR A 114 -4.12 12.36 -11.39
CA TYR A 114 -3.18 11.55 -10.63
C TYR A 114 -2.36 12.41 -9.67
N PHE A 115 -1.67 11.74 -8.76
CA PHE A 115 -0.86 12.34 -7.74
C PHE A 115 0.60 12.11 -8.07
N ALA A 116 1.34 13.20 -8.22
CA ALA A 116 2.80 13.13 -8.34
C ALA A 116 3.40 12.19 -7.32
N TRP A 117 4.14 11.20 -7.80
CA TRP A 117 4.70 10.19 -6.90
C TRP A 117 5.81 10.69 -6.00
N SER A 118 6.61 11.62 -6.50
CA SER A 118 7.74 12.18 -5.80
C SER A 118 7.69 13.71 -5.86
N MET A 119 7.59 14.30 -4.69
CA MET A 119 7.47 15.75 -4.56
C MET A 119 8.36 16.23 -3.46
N ARG A 120 8.98 17.39 -3.67
CA ARG A 120 9.78 18.00 -2.63
C ARG A 120 8.87 18.61 -1.57
N ARG A 121 9.45 18.87 -0.42
CA ARG A 121 8.73 19.40 0.73
C ARG A 121 8.14 20.80 0.52
N ASP A 122 8.66 21.54 -0.45
CA ASP A 122 8.09 22.85 -0.82
C ASP A 122 7.02 22.74 -1.92
N GLY A 123 6.59 21.52 -2.28
CA GLY A 123 5.57 21.33 -3.33
C GLY A 123 6.03 21.26 -4.78
N VAL A 124 7.33 21.32 -5.03
CA VAL A 124 7.89 21.18 -6.38
C VAL A 124 7.96 19.68 -6.68
N ALA A 125 7.22 19.26 -7.69
CA ALA A 125 7.27 17.88 -8.16
C ALA A 125 8.65 17.49 -8.68
N ASN A 126 9.17 16.35 -8.25
CA ASN A 126 10.27 15.71 -8.96
C ASN A 126 9.74 14.96 -10.17
N ASP A 127 8.55 14.35 -10.05
CA ASP A 127 7.95 13.62 -11.15
C ASP A 127 6.45 13.79 -10.99
N ASP A 128 5.82 14.38 -12.00
CA ASP A 128 4.36 14.57 -12.08
C ASP A 128 3.59 13.25 -12.23
N MET A 129 4.22 12.20 -12.77
CA MET A 129 3.56 10.91 -12.95
C MET A 129 3.35 10.17 -11.61
N PRO A 130 2.33 9.29 -11.55
CA PRO A 130 2.03 8.53 -10.32
C PRO A 130 2.76 7.23 -10.08
N ALA A 131 2.71 6.77 -8.83
CA ALA A 131 2.99 5.41 -8.44
C ALA A 131 1.59 4.85 -8.09
N PRO A 132 1.00 4.05 -9.02
CA PRO A 132 -0.42 3.79 -8.89
C PRO A 132 -0.91 3.14 -7.59
N ASP A 133 -0.09 2.45 -6.80
CA ASP A 133 -0.61 1.99 -5.51
C ASP A 133 -0.96 3.13 -4.52
N GLY A 134 -0.33 4.30 -4.73
CA GLY A 134 -0.72 5.51 -4.03
C GLY A 134 -2.19 5.82 -4.25
N GLU A 135 -2.57 5.96 -5.53
CA GLU A 135 -3.97 6.18 -5.91
C GLU A 135 -4.89 5.11 -5.32
N GLU A 136 -4.47 3.84 -5.37
CA GLU A 136 -5.30 2.74 -4.85
C GLU A 136 -5.63 2.88 -3.33
N TYR A 137 -4.61 3.19 -2.55
CA TYR A 137 -4.72 3.44 -1.13
C TYR A 137 -5.46 4.74 -0.85
N PHE A 138 -5.24 5.81 -1.64
CA PHE A 138 -5.95 7.08 -1.42
C PHE A 138 -7.47 6.87 -1.50
N VAL A 139 -7.91 6.22 -2.60
CA VAL A 139 -9.31 5.99 -2.86
C VAL A 139 -9.92 5.19 -1.74
N THR A 140 -9.22 4.13 -1.32
CA THR A 140 -9.77 3.22 -0.34
C THR A 140 -9.85 3.88 1.06
N ALA A 141 -8.79 4.60 1.43
CA ALA A 141 -8.76 5.37 2.68
C ALA A 141 -9.85 6.41 2.74
N LEU A 142 -10.12 7.06 1.60
CA LEU A 142 -11.21 8.00 1.48
C LEU A 142 -12.60 7.38 1.68
N TYR A 143 -12.82 6.22 1.08
CA TYR A 143 -14.06 5.49 1.34
C TYR A 143 -14.17 5.14 2.82
N PHE A 144 -13.06 4.72 3.43
CA PHE A 144 -13.06 4.37 4.84
C PHE A 144 -13.36 5.57 5.75
N ALA A 145 -12.79 6.73 5.41
CA ALA A 145 -13.08 7.97 6.10
C ALA A 145 -14.59 8.33 6.06
N ALA A 146 -15.19 8.19 4.89
CA ALA A 146 -16.62 8.45 4.74
C ALA A 146 -17.40 7.55 5.68
N ALA A 147 -17.03 6.28 5.73
CA ALA A 147 -17.73 5.33 6.59
C ALA A 147 -17.60 5.66 8.07
N ARG A 148 -16.38 5.98 8.50
CA ARG A 148 -16.09 6.19 9.91
C ARG A 148 -16.56 7.53 10.40
N TRP A 149 -16.38 8.57 9.59
CA TRP A 149 -16.56 9.94 10.05
C TRP A 149 -17.71 10.68 9.39
N GLY A 150 -18.30 10.10 8.37
CA GLY A 150 -19.28 10.84 7.54
C GLY A 150 -18.53 11.80 6.61
N ASN A 151 -19.22 12.28 5.59
CA ASN A 151 -18.62 13.17 4.62
C ASN A 151 -18.71 14.63 5.06
N GLY A 152 -17.60 15.36 4.92
CA GLY A 152 -17.58 16.81 4.94
C GLY A 152 -17.91 17.34 3.55
N GLU A 153 -17.50 18.60 3.32
CA GLU A 153 -17.69 19.27 2.04
C GLU A 153 -16.34 19.60 1.41
N GLY A 154 -16.37 20.02 0.14
CA GLY A 154 -15.15 20.37 -0.56
C GLY A 154 -14.25 19.14 -0.63
N ILE A 155 -12.97 19.32 -0.30
CA ILE A 155 -12.06 18.18 -0.33
C ILE A 155 -12.33 17.14 0.75
N PHE A 156 -13.09 17.50 1.77
CA PHE A 156 -13.44 16.57 2.85
C PHE A 156 -14.75 15.85 2.60
N ASN A 157 -15.34 15.99 1.39
CA ASN A 157 -16.39 15.08 0.94
C ASN A 157 -15.64 13.86 0.40
N TYR A 158 -15.20 13.05 1.34
CA TYR A 158 -14.31 11.93 1.10
C TYR A 158 -14.86 10.97 0.07
N GLN A 159 -16.16 10.68 0.19
CA GLN A 159 -16.81 9.75 -0.74
C GLN A 159 -16.86 10.29 -2.18
N GLN A 160 -17.16 11.57 -2.32
CA GLN A 160 -17.21 12.21 -3.63
C GLN A 160 -15.82 12.28 -4.25
N GLU A 161 -14.82 12.61 -3.43
CA GLU A 161 -13.42 12.60 -3.88
C GLU A 161 -13.00 11.22 -4.37
N ALA A 162 -13.30 10.20 -3.57
CA ALA A 162 -12.98 8.81 -3.95
C ALA A 162 -13.67 8.41 -5.25
N ASP A 163 -14.96 8.67 -5.36
CA ASP A 163 -15.71 8.36 -6.61
C ASP A 163 -15.08 9.01 -7.87
N THR A 164 -14.74 10.28 -7.78
CA THR A 164 -14.18 11.01 -8.90
C THR A 164 -12.82 10.49 -9.26
N ILE A 165 -11.98 10.31 -8.26
CA ILE A 165 -10.61 9.87 -8.51
C ILE A 165 -10.63 8.46 -9.10
N LEU A 166 -11.45 7.57 -8.54
CA LEU A 166 -11.53 6.23 -9.01
C LEU A 166 -12.13 6.08 -10.41
N SER A 167 -13.18 6.86 -10.70
CA SER A 167 -13.77 6.84 -12.03
C SER A 167 -12.71 7.26 -13.05
N ARG A 168 -11.97 8.32 -12.72
CA ARG A 168 -10.97 8.83 -13.62
C ARG A 168 -9.77 7.86 -13.79
N MET A 169 -9.46 7.06 -12.77
CA MET A 169 -8.43 6.04 -12.87
C MET A 169 -8.77 5.00 -13.92
N ARG A 170 -10.05 4.63 -14.02
CA ARG A 170 -10.48 3.71 -15.05
C ARG A 170 -10.62 4.40 -16.42
N HIS A 171 -11.29 5.56 -16.43
CA HIS A 171 -11.79 6.17 -17.68
C HIS A 171 -10.90 7.23 -18.29
N ARG A 172 -9.77 7.55 -17.64
CA ARG A 172 -8.84 8.56 -18.19
C ARG A 172 -8.52 8.29 -19.67
N GLN A 173 -8.56 9.37 -20.47
CA GLN A 173 -8.18 9.26 -21.86
C GLN A 173 -6.69 9.48 -22.01
N VAL A 174 -6.14 9.18 -23.20
CA VAL A 174 -4.73 9.46 -23.48
C VAL A 174 -4.54 10.97 -23.64
N ILE A 175 -3.52 11.52 -23.01
CA ILE A 175 -3.25 12.96 -23.01
C ILE A 175 -1.79 13.14 -23.21
N THR A 176 -1.42 14.00 -24.17
CA THR A 176 -0.06 14.38 -24.43
C THR A 176 0.04 15.84 -24.10
N GLY A 177 0.98 16.20 -23.24
CA GLY A 177 1.23 17.61 -22.96
C GLY A 177 2.50 17.86 -22.14
N PRO A 178 2.80 19.15 -21.88
CA PRO A 178 3.98 19.58 -21.11
C PRO A 178 3.95 19.10 -19.66
N THR A 179 5.12 18.79 -19.11
CA THR A 179 5.27 18.45 -17.68
C THR A 179 6.63 18.98 -17.25
N ASN A 180 6.91 18.87 -15.95
CA ASN A 180 8.25 19.19 -15.42
C ASN A 180 9.40 18.40 -16.09
N ARG A 181 9.10 17.25 -16.67
CA ARG A 181 10.10 16.39 -17.28
C ARG A 181 10.17 16.51 -18.81
N GLY A 182 9.39 17.43 -19.38
CA GLY A 182 9.21 17.52 -20.84
C GLY A 182 7.84 17.04 -21.26
N VAL A 183 7.64 17.01 -22.56
CA VAL A 183 6.36 16.58 -23.10
C VAL A 183 6.23 15.09 -22.85
N MET A 184 5.10 14.69 -22.29
CA MET A 184 4.83 13.30 -21.96
C MET A 184 3.43 12.93 -22.38
N THR A 185 3.21 11.65 -22.53
CA THR A 185 1.91 11.09 -22.90
C THR A 185 1.58 10.04 -21.86
N ALA A 186 0.35 10.08 -21.35
CA ALA A 186 -0.08 9.11 -20.37
C ALA A 186 -1.51 8.69 -20.61
N THR A 187 -1.82 7.49 -20.14
CA THR A 187 -3.15 6.90 -20.29
C THR A 187 -3.81 6.68 -18.91
N ASN A 188 -4.77 5.75 -18.87
CA ASN A 188 -5.53 5.34 -17.69
C ASN A 188 -4.61 4.57 -16.74
N LEU A 189 -5.13 4.24 -15.56
CA LEU A 189 -4.27 3.62 -14.53
C LEU A 189 -4.48 2.11 -14.41
N PHE A 190 -5.62 1.64 -14.93
CA PHE A 190 -5.90 0.23 -15.10
C PHE A 190 -6.08 -0.09 -16.58
N HIS A 191 -5.48 -1.20 -17.00
CA HIS A 191 -5.63 -1.69 -18.38
C HIS A 191 -7.11 -2.13 -18.57
N PRO A 192 -7.80 -1.60 -19.59
CA PRO A 192 -9.24 -1.89 -19.72
C PRO A 192 -9.64 -3.32 -20.06
N GLU A 193 -8.79 -4.07 -20.75
CA GLU A 193 -9.05 -5.48 -21.11
C GLU A 193 -8.53 -6.44 -20.08
N GLU A 194 -7.30 -6.20 -19.60
CA GLU A 194 -6.68 -7.05 -18.57
C GLU A 194 -7.33 -6.84 -17.17
N ALA A 195 -7.93 -5.66 -16.93
CA ALA A 195 -8.45 -5.28 -15.61
C ALA A 195 -7.38 -5.40 -14.50
N GLN A 196 -6.20 -4.82 -14.78
CA GLN A 196 -5.03 -4.87 -13.89
C GLN A 196 -4.48 -3.48 -13.81
N VAL A 197 -4.10 -3.11 -12.60
CA VAL A 197 -3.37 -1.86 -12.33
C VAL A 197 -2.06 -1.84 -13.13
N ARG A 198 -1.71 -0.66 -13.65
CA ARG A 198 -0.45 -0.48 -14.36
C ARG A 198 0.66 -0.11 -13.40
N PHE A 199 1.89 -0.42 -13.78
CA PHE A 199 3.07 0.10 -13.08
C PHE A 199 3.17 1.62 -13.29
N THR A 200 2.87 2.08 -14.51
CA THR A 200 2.84 3.50 -14.82
C THR A 200 1.82 3.80 -15.92
N PRO A 201 1.15 4.97 -15.88
CA PRO A 201 0.34 5.36 -17.03
C PRO A 201 1.15 5.98 -18.18
N ASP A 202 2.44 6.22 -17.98
CA ASP A 202 3.31 6.72 -19.04
C ASP A 202 3.25 5.74 -20.24
N ILE A 203 2.85 6.25 -21.41
CA ILE A 203 2.65 5.41 -22.59
C ILE A 203 3.88 4.60 -22.98
N ASN A 204 5.08 5.11 -22.69
CA ASN A 204 6.33 4.38 -23.01
C ASN A 204 6.54 3.09 -22.20
N ASN A 205 5.87 2.92 -21.07
CA ASN A 205 6.02 1.68 -20.27
C ASN A 205 4.70 1.27 -19.67
N ALA A 206 3.60 1.59 -20.35
CA ALA A 206 2.25 1.44 -19.76
C ALA A 206 1.75 0.01 -19.64
N ASP A 207 2.16 -0.88 -20.56
CA ASP A 207 1.61 -2.24 -20.58
C ASP A 207 2.40 -3.23 -19.71
N HIS A 208 2.37 -2.93 -18.41
CA HIS A 208 3.07 -3.70 -17.38
C HIS A 208 2.32 -3.48 -16.08
N THR A 209 2.69 -4.28 -15.06
CA THR A 209 2.05 -4.23 -13.74
C THR A 209 3.09 -4.49 -12.67
N ASP A 210 2.65 -4.73 -11.45
CA ASP A 210 3.56 -4.82 -10.29
C ASP A 210 2.69 -5.59 -9.28
N ALA A 211 3.11 -6.80 -8.91
CA ALA A 211 2.28 -7.66 -8.05
C ALA A 211 1.90 -6.94 -6.75
N SER A 212 2.83 -6.15 -6.20
CA SER A 212 2.62 -5.43 -4.95
C SER A 212 1.61 -4.30 -5.07
N TYR A 213 1.27 -3.91 -6.30
CA TYR A 213 0.17 -2.97 -6.54
C TYR A 213 -1.20 -3.65 -6.65
N HIS A 214 -1.23 -4.98 -6.77
CA HIS A 214 -2.52 -5.71 -6.85
C HIS A 214 -3.17 -5.75 -5.45
N LEU A 215 -4.36 -5.20 -5.33
CA LEU A 215 -5.05 -5.04 -4.03
C LEU A 215 -6.51 -5.50 -4.13
N PRO A 216 -6.71 -6.80 -4.41
CA PRO A 216 -8.06 -7.34 -4.43
C PRO A 216 -8.91 -7.07 -3.18
N SER A 217 -8.27 -6.98 -2.03
CA SER A 217 -9.00 -6.66 -0.80
C SER A 217 -9.76 -5.32 -0.93
N PHE A 218 -9.13 -4.36 -1.60
CA PHE A 218 -9.69 -3.02 -1.79
C PHE A 218 -10.61 -3.02 -3.01
N TYR A 219 -10.28 -3.79 -4.05
CA TYR A 219 -11.16 -3.83 -5.22
C TYR A 219 -12.58 -4.30 -4.86
N GLU A 220 -12.68 -5.20 -3.88
CA GLU A 220 -13.98 -5.63 -3.37
C GLU A 220 -14.78 -4.49 -2.74
N ILE A 221 -14.08 -3.55 -2.10
CA ILE A 221 -14.71 -2.38 -1.50
C ILE A 221 -15.27 -1.55 -2.65
N TRP A 222 -14.45 -1.30 -3.68
CA TRP A 222 -14.88 -0.50 -4.82
C TRP A 222 -16.03 -1.16 -5.61
N ALA A 223 -16.00 -2.50 -5.69
CA ALA A 223 -17.10 -3.28 -6.28
C ALA A 223 -18.44 -3.07 -5.58
N ARG A 224 -18.40 -2.65 -4.30
CA ARG A 224 -19.59 -2.41 -3.52
C ARG A 224 -20.03 -0.95 -3.52
N VAL A 225 -19.11 0.01 -3.55
CA VAL A 225 -19.46 1.41 -3.33
C VAL A 225 -19.06 2.40 -4.42
N ALA A 226 -18.28 1.98 -5.41
CA ALA A 226 -17.93 2.86 -6.54
C ALA A 226 -19.14 3.25 -7.37
N PRO A 227 -18.99 4.29 -8.22
CA PRO A 227 -20.05 4.54 -9.20
C PRO A 227 -20.51 3.26 -9.89
N GLN A 228 -21.82 3.11 -9.98
CA GLN A 228 -22.47 1.89 -10.42
C GLN A 228 -21.89 1.29 -11.71
N GLU A 229 -21.64 2.12 -12.71
CA GLU A 229 -21.18 1.66 -14.02
C GLU A 229 -19.78 0.98 -13.96
N ASP A 230 -19.04 1.20 -12.87
CA ASP A 230 -17.68 0.60 -12.75
C ASP A 230 -17.59 -0.59 -11.85
N ARG A 231 -18.64 -0.92 -11.13
CA ARG A 231 -18.56 -1.96 -10.10
C ARG A 231 -18.17 -3.32 -10.67
N ALA A 232 -18.71 -3.69 -11.82
CA ALA A 232 -18.36 -4.99 -12.46
C ALA A 232 -16.86 -5.05 -12.82
N PHE A 233 -16.34 -3.95 -13.34
CA PHE A 233 -14.90 -3.85 -13.64
C PHE A 233 -14.04 -4.09 -12.41
N TRP A 234 -14.39 -3.46 -11.29
CA TRP A 234 -13.62 -3.64 -10.06
C TRP A 234 -13.74 -5.04 -9.52
N ALA A 235 -14.93 -5.62 -9.64
CA ALA A 235 -15.16 -7.00 -9.24
C ALA A 235 -14.30 -7.95 -10.07
N LYS A 236 -14.19 -7.66 -11.37
CA LYS A 236 -13.35 -8.43 -12.26
C LYS A 236 -11.88 -8.31 -11.84
N ALA A 237 -11.44 -7.09 -11.51
CA ALA A 237 -10.06 -6.85 -11.09
C ALA A 237 -9.70 -7.69 -9.88
N ALA A 238 -10.63 -7.83 -8.94
CA ALA A 238 -10.40 -8.63 -7.76
C ALA A 238 -10.13 -10.10 -8.18
N ASP A 239 -10.96 -10.67 -9.04
CA ASP A 239 -10.69 -12.07 -9.55
C ASP A 239 -9.39 -12.17 -10.27
N VAL A 240 -9.14 -11.19 -11.13
CA VAL A 240 -7.92 -11.20 -11.92
C VAL A 240 -6.68 -11.18 -11.02
N SER A 241 -6.71 -10.39 -9.93
CA SER A 241 -5.54 -10.29 -9.03
C SER A 241 -5.25 -11.59 -8.30
N ARG A 242 -6.31 -12.27 -7.90
CA ARG A 242 -6.16 -13.56 -7.21
C ARG A 242 -5.46 -14.56 -8.15
N ASP A 243 -5.86 -14.58 -9.42
CA ASP A 243 -5.21 -15.39 -10.44
C ASP A 243 -3.77 -14.92 -10.68
N TYR A 244 -3.58 -13.60 -10.62
CA TYR A 244 -2.28 -12.99 -10.86
C TYR A 244 -1.25 -13.47 -9.83
N PHE A 245 -1.59 -13.39 -8.55
CA PHE A 245 -0.70 -13.90 -7.50
C PHE A 245 -0.37 -15.38 -7.68
N ALA A 246 -1.37 -16.19 -8.03
CA ALA A 246 -1.16 -17.63 -8.31
C ALA A 246 -0.10 -17.83 -9.41
N LYS A 247 -0.13 -17.02 -10.46
CA LYS A 247 0.85 -17.14 -11.56
C LYS A 247 2.20 -16.46 -11.28
N ALA A 248 2.17 -15.32 -10.59
CA ALA A 248 3.37 -14.50 -10.44
C ALA A 248 4.30 -14.97 -9.34
N ALA A 249 3.74 -15.54 -8.28
CA ALA A 249 4.53 -16.03 -7.15
C ALA A 249 5.18 -17.35 -7.52
N HIS A 250 6.48 -17.48 -7.19
CA HIS A 250 7.25 -18.65 -7.54
C HIS A 250 6.58 -19.90 -6.93
N PRO A 251 6.54 -21.02 -7.68
CA PRO A 251 5.76 -22.18 -7.14
C PRO A 251 6.36 -22.86 -5.89
N VAL A 252 7.66 -22.70 -5.66
CA VAL A 252 8.34 -23.27 -4.49
C VAL A 252 8.33 -22.28 -3.32
N THR A 253 8.83 -21.06 -3.57
CA THR A 253 9.03 -20.03 -2.52
C THR A 253 7.89 -19.03 -2.22
N ALA A 254 6.97 -18.87 -3.18
CA ALA A 254 5.93 -17.83 -3.23
C ALA A 254 6.49 -16.40 -3.29
N LEU A 255 7.78 -16.25 -3.60
CA LEU A 255 8.35 -14.90 -3.84
C LEU A 255 7.88 -14.35 -5.17
N THR A 256 7.56 -13.07 -5.19
CA THR A 256 7.11 -12.40 -6.39
C THR A 256 8.20 -11.41 -6.82
N PRO A 257 8.22 -11.02 -8.12
CA PRO A 257 9.15 -9.97 -8.55
C PRO A 257 8.56 -8.58 -8.25
N ASP A 258 9.44 -7.57 -8.17
CA ASP A 258 9.03 -6.20 -8.03
C ASP A 258 8.08 -5.79 -9.14
N TYR A 259 8.51 -6.00 -10.39
CA TYR A 259 7.69 -5.61 -11.55
C TYR A 259 7.34 -6.81 -12.42
N GLY A 260 6.23 -6.68 -13.14
CA GLY A 260 5.62 -7.80 -13.86
C GLY A 260 4.93 -7.44 -15.17
N ASN A 261 4.60 -8.48 -15.93
CA ASN A 261 3.79 -8.35 -17.13
C ASN A 261 2.41 -8.81 -16.78
N PHE A 262 1.44 -8.45 -17.60
CA PHE A 262 0.02 -8.86 -17.34
C PHE A 262 -0.20 -10.37 -17.28
N ASP A 263 0.59 -11.13 -18.04
CA ASP A 263 0.49 -12.59 -18.07
C ASP A 263 1.12 -13.28 -16.86
N GLY A 264 1.64 -12.51 -15.90
CA GLY A 264 2.21 -13.06 -14.68
C GLY A 264 3.71 -13.23 -14.66
N THR A 265 4.38 -12.98 -15.79
CA THR A 265 5.85 -13.14 -15.86
C THR A 265 6.59 -11.89 -15.30
N PRO A 266 7.82 -12.07 -14.77
CA PRO A 266 8.60 -10.89 -14.36
C PRO A 266 8.94 -9.97 -15.52
N TRP A 267 9.03 -8.66 -15.22
CA TRP A 267 9.41 -7.66 -16.20
C TRP A 267 10.67 -6.94 -15.69
N ALA A 268 11.69 -6.91 -16.54
CA ALA A 268 12.96 -6.20 -16.29
C ALA A 268 12.82 -4.80 -16.87
N ALA A 269 12.67 -3.81 -16.01
CA ALA A 269 12.61 -2.42 -16.47
C ALA A 269 13.96 -2.03 -17.09
N SER A 270 13.96 -1.33 -18.22
CA SER A 270 15.22 -0.92 -18.87
C SER A 270 16.17 -0.16 -17.92
N TRP A 271 15.62 0.69 -17.06
CA TRP A 271 16.37 1.53 -16.12
C TRP A 271 16.60 0.83 -14.77
N ARG A 272 16.07 -0.39 -14.59
CA ARG A 272 16.18 -1.14 -13.35
C ARG A 272 15.94 -2.62 -13.66
N PRO A 273 16.88 -3.27 -14.37
CA PRO A 273 16.72 -4.67 -14.79
C PRO A 273 16.56 -5.65 -13.65
N GLU A 274 17.03 -5.26 -12.46
CA GLU A 274 16.88 -6.08 -11.25
C GLU A 274 15.42 -6.12 -10.69
N SER A 275 14.50 -5.42 -11.33
CA SER A 275 13.09 -5.54 -11.01
C SER A 275 12.46 -6.93 -11.15
N VAL A 276 13.15 -7.85 -11.83
CA VAL A 276 12.68 -9.24 -11.91
C VAL A 276 12.86 -10.05 -10.65
N ASP A 277 13.59 -9.51 -9.68
CA ASP A 277 13.81 -10.19 -8.39
C ASP A 277 12.87 -9.69 -7.31
N PHE A 278 12.87 -10.41 -6.19
CA PHE A 278 12.09 -10.06 -5.00
C PHE A 278 12.84 -8.96 -4.26
N ARG A 279 12.34 -7.73 -4.33
CA ARG A 279 13.00 -6.58 -3.66
C ARG A 279 11.96 -5.75 -2.88
N TYR A 280 12.19 -4.44 -2.72
CA TYR A 280 11.45 -3.60 -1.78
C TYR A 280 9.95 -3.53 -2.10
N ASN A 281 9.58 -3.53 -3.38
CA ASN A 281 8.16 -3.59 -3.77
C ASN A 281 7.52 -4.92 -3.32
N ALA A 282 8.18 -6.01 -3.72
CA ALA A 282 7.60 -7.35 -3.63
C ALA A 282 7.41 -7.83 -2.17
N TRP A 283 8.13 -7.24 -1.22
CA TRP A 283 7.90 -7.52 0.21
C TRP A 283 6.42 -7.49 0.55
N ARG A 284 5.68 -6.56 -0.06
CA ARG A 284 4.27 -6.28 0.27
C ARG A 284 3.27 -7.26 -0.34
N SER A 285 3.66 -8.01 -1.38
CA SER A 285 2.71 -8.91 -2.06
C SER A 285 1.97 -9.85 -1.11
N VAL A 286 2.71 -10.49 -0.21
CA VAL A 286 2.08 -11.39 0.76
C VAL A 286 1.04 -10.70 1.67
N MET A 287 1.28 -9.44 2.00
CA MET A 287 0.30 -8.66 2.75
C MET A 287 -0.97 -8.51 1.94
N ASN A 288 -0.80 -8.19 0.66
CA ASN A 288 -1.97 -7.96 -0.17
C ASN A 288 -2.86 -9.16 -0.31
N TRP A 289 -2.27 -10.32 -0.60
CA TRP A 289 -3.11 -11.51 -0.77
C TRP A 289 -3.61 -12.03 0.56
N SER A 290 -2.81 -11.89 1.62
CA SER A 290 -3.26 -12.37 2.94
C SER A 290 -4.40 -11.57 3.54
N MET A 291 -4.31 -10.24 3.40
CA MET A 291 -5.37 -9.34 3.74
C MET A 291 -6.66 -9.69 2.96
N ASP A 292 -6.53 -9.87 1.66
CA ASP A 292 -7.67 -10.26 0.82
C ASP A 292 -8.33 -11.56 1.29
N TYR A 293 -7.52 -12.54 1.65
CA TYR A 293 -8.06 -13.80 2.12
C TYR A 293 -8.78 -13.61 3.46
N ALA A 294 -8.14 -12.86 4.37
CA ALA A 294 -8.73 -12.65 5.70
C ALA A 294 -10.09 -11.94 5.61
N TRP A 295 -10.19 -10.95 4.74
CA TRP A 295 -11.40 -10.14 4.61
C TRP A 295 -12.53 -10.84 3.90
N TRP A 296 -12.20 -11.48 2.77
CA TRP A 296 -13.22 -11.94 1.81
C TRP A 296 -13.27 -13.45 1.58
N GLY A 297 -12.22 -14.17 1.92
CA GLY A 297 -12.21 -15.63 1.85
C GLY A 297 -12.30 -16.24 0.47
N LYS A 298 -11.96 -15.47 -0.57
CA LYS A 298 -12.13 -15.92 -1.99
C LYS A 298 -10.87 -16.38 -2.68
N ASP A 299 -9.70 -15.95 -2.22
CA ASP A 299 -8.45 -16.38 -2.83
C ASP A 299 -8.09 -17.74 -2.24
N SER A 300 -8.58 -18.80 -2.87
CA SER A 300 -8.35 -20.15 -2.34
C SER A 300 -6.88 -20.56 -2.30
N GLY A 301 -6.01 -19.94 -3.09
CA GLY A 301 -4.61 -20.23 -3.01
C GLY A 301 -3.82 -19.46 -1.94
N ALA A 302 -4.45 -18.47 -1.30
CA ALA A 302 -3.71 -17.58 -0.38
C ALA A 302 -3.09 -18.31 0.81
N PRO A 303 -3.83 -19.19 1.48
CA PRO A 303 -3.22 -19.94 2.58
C PRO A 303 -1.97 -20.75 2.21
N ALA A 304 -2.04 -21.50 1.11
CA ALA A 304 -0.87 -22.29 0.69
C ALA A 304 0.29 -21.38 0.28
N ARG A 305 -0.01 -20.25 -0.36
CA ARG A 305 1.02 -19.31 -0.77
C ARG A 305 1.74 -18.68 0.44
N SER A 306 0.96 -18.26 1.43
CA SER A 306 1.52 -17.73 2.67
C SER A 306 2.31 -18.81 3.42
N ASP A 307 1.80 -20.04 3.48
CA ASP A 307 2.57 -21.16 4.06
C ASP A 307 3.93 -21.35 3.37
N LYS A 308 3.95 -21.32 2.04
CA LYS A 308 5.20 -21.50 1.30
C LYS A 308 6.17 -20.35 1.56
N LEU A 309 5.67 -19.12 1.54
CA LEU A 309 6.52 -17.97 1.81
C LEU A 309 7.15 -18.03 3.22
N LEU A 310 6.36 -18.38 4.24
CA LEU A 310 6.90 -18.53 5.60
C LEU A 310 7.84 -19.72 5.69
N ALA A 311 7.51 -20.86 5.05
CA ALA A 311 8.45 -21.97 5.03
C ALA A 311 9.81 -21.57 4.43
N PHE A 312 9.81 -20.79 3.38
CA PHE A 312 11.05 -20.30 2.80
C PHE A 312 11.82 -19.39 3.77
N PHE A 313 11.13 -18.43 4.35
CA PHE A 313 11.84 -17.52 5.26
C PHE A 313 12.36 -18.25 6.50
N GLU A 314 11.71 -19.32 6.90
CA GLU A 314 12.23 -20.14 7.98
C GLU A 314 13.60 -20.72 7.62
N THR A 315 13.82 -21.12 6.36
CA THR A 315 15.16 -21.60 5.93
C THR A 315 16.26 -20.53 5.96
N GLN A 316 15.87 -19.26 6.01
CA GLN A 316 16.79 -18.14 6.09
C GLN A 316 17.09 -17.68 7.51
N GLU A 317 16.57 -18.37 8.54
CA GLU A 317 16.78 -17.93 9.94
C GLU A 317 18.30 -17.83 10.19
N GLY A 318 18.73 -16.66 10.64
CA GLY A 318 20.12 -16.44 10.97
C GLY A 318 21.00 -16.01 9.82
N LYS A 319 20.45 -15.95 8.60
CA LYS A 319 21.19 -15.52 7.42
C LYS A 319 20.25 -14.74 6.47
N MET A 320 19.39 -13.96 7.08
CA MET A 320 18.30 -13.28 6.42
C MET A 320 18.81 -12.18 5.49
N ASN A 321 18.48 -12.25 4.21
CA ASN A 321 18.72 -11.14 3.29
C ASN A 321 17.39 -10.37 3.12
N HIS A 322 17.38 -9.28 2.35
CA HIS A 322 16.11 -8.62 1.99
C HIS A 322 15.88 -8.43 0.46
N LEU A 323 16.78 -9.05 -0.31
CA LEU A 323 16.71 -9.09 -1.74
C LEU A 323 16.95 -10.56 -2.12
N TYR A 324 16.07 -11.11 -2.93
CA TYR A 324 16.15 -12.55 -3.34
C TYR A 324 15.83 -12.78 -4.82
N SER A 325 16.46 -13.79 -5.41
CA SER A 325 15.97 -14.28 -6.70
C SER A 325 14.63 -14.98 -6.41
N LEU A 326 13.74 -15.12 -7.40
CA LEU A 326 12.44 -15.75 -7.12
C LEU A 326 12.54 -17.20 -6.65
N ASP A 327 13.55 -17.92 -7.14
CA ASP A 327 13.82 -19.26 -6.63
C ASP A 327 14.55 -19.32 -5.28
N GLY A 328 14.73 -18.20 -4.58
CA GLY A 328 15.23 -18.23 -3.22
C GLY A 328 16.73 -18.03 -3.00
N LYS A 329 17.47 -17.56 -4.00
CA LYS A 329 18.92 -17.27 -3.81
C LYS A 329 19.07 -15.88 -3.19
N PRO A 330 19.87 -15.78 -2.10
CA PRO A 330 20.06 -14.49 -1.46
C PRO A 330 20.82 -13.54 -2.37
N LEU A 331 20.33 -12.31 -2.51
CA LEU A 331 20.99 -11.32 -3.36
C LEU A 331 21.49 -10.09 -2.63
N GLY A 332 21.41 -10.04 -1.29
CA GLY A 332 22.11 -9.01 -0.54
C GLY A 332 21.24 -8.43 0.55
N GLY A 333 21.91 -7.70 1.42
CA GLY A 333 21.33 -7.02 2.55
C GLY A 333 21.11 -7.94 3.71
N GLY A 334 20.74 -7.35 4.84
CA GLY A 334 20.40 -8.09 6.05
C GLY A 334 18.90 -7.97 6.32
N PRO A 335 18.46 -8.39 7.53
CA PRO A 335 17.04 -8.26 7.90
C PRO A 335 16.60 -6.80 7.92
N THR A 336 15.34 -6.56 7.56
CA THR A 336 14.76 -5.22 7.70
C THR A 336 13.48 -5.32 8.45
N LEU A 337 13.15 -4.25 9.15
CA LEU A 337 11.89 -4.18 9.83
C LEU A 337 10.70 -4.29 8.85
N GLY A 338 10.82 -3.68 7.68
CA GLY A 338 9.73 -3.72 6.70
C GLY A 338 9.45 -5.14 6.21
N LEU A 339 10.50 -5.92 6.00
CA LEU A 339 10.33 -7.31 5.57
C LEU A 339 9.82 -8.22 6.71
N ILE A 340 10.40 -8.08 7.90
CA ILE A 340 9.81 -8.73 9.11
C ILE A 340 8.30 -8.44 9.24
N SER A 341 7.93 -7.18 9.03
CA SER A 341 6.55 -6.72 9.18
C SER A 341 5.61 -7.38 8.16
N MET A 342 5.99 -7.33 6.89
CA MET A 342 5.20 -7.93 5.83
C MET A 342 5.12 -9.42 5.99
N ASN A 343 6.22 -10.05 6.40
CA ASN A 343 6.16 -11.49 6.58
C ASN A 343 5.19 -11.90 7.70
N ALA A 344 5.05 -11.07 8.72
CA ALA A 344 4.11 -11.33 9.80
C ALA A 344 2.66 -11.27 9.31
N THR A 345 2.40 -10.39 8.33
CA THR A 345 1.04 -10.28 7.80
C THR A 345 0.63 -11.52 7.01
N ALA A 346 1.59 -12.36 6.59
CA ALA A 346 1.27 -13.69 6.00
C ALA A 346 0.36 -14.51 6.88
N ALA A 347 0.46 -14.30 8.19
CA ALA A 347 -0.39 -15.02 9.16
C ALA A 347 -1.89 -14.73 9.02
N MET A 348 -2.28 -13.67 8.30
CA MET A 348 -3.71 -13.47 8.00
C MET A 348 -4.31 -14.60 7.14
N ALA A 349 -3.46 -15.36 6.44
CA ALA A 349 -3.91 -16.51 5.64
C ALA A 349 -3.25 -17.85 5.98
N ALA A 350 -2.03 -17.82 6.51
CA ALA A 350 -1.29 -19.06 6.75
C ALA A 350 -2.02 -20.09 7.63
N THR A 351 -1.78 -21.37 7.35
CA THR A 351 -2.31 -22.46 8.16
C THR A 351 -1.25 -23.12 9.04
N ASP A 352 0.00 -23.14 8.62
CA ASP A 352 1.03 -23.84 9.40
C ASP A 352 1.41 -22.98 10.62
N PRO A 353 1.42 -23.57 11.85
CA PRO A 353 1.69 -22.77 13.05
C PRO A 353 3.09 -22.11 13.17
N ARG A 354 4.02 -22.37 12.25
CA ARG A 354 5.23 -21.53 12.20
C ARG A 354 4.87 -20.04 12.07
N TRP A 355 3.67 -19.70 11.58
CA TRP A 355 3.29 -18.30 11.51
C TRP A 355 3.39 -17.59 12.86
N HIS A 356 3.15 -18.31 13.96
CA HIS A 356 3.31 -17.72 15.32
C HIS A 356 4.70 -17.06 15.47
N ASN A 357 5.74 -17.69 14.93
CA ASN A 357 7.12 -17.19 15.10
C ASN A 357 7.31 -15.85 14.38
N PHE A 358 6.66 -15.71 13.22
CA PHE A 358 6.78 -14.50 12.42
C PHE A 358 6.00 -13.35 13.07
N VAL A 359 4.83 -13.67 13.61
CA VAL A 359 4.08 -12.67 14.39
C VAL A 359 4.82 -12.26 15.68
N GLU A 360 5.46 -13.25 16.30
CA GLU A 360 6.24 -12.99 17.51
C GLU A 360 7.42 -12.10 17.15
N LYS A 361 8.06 -12.37 16.02
CA LYS A 361 9.20 -11.57 15.58
C LYS A 361 8.81 -10.09 15.39
N LEU A 362 7.64 -9.83 14.80
CA LEU A 362 7.17 -8.45 14.64
C LEU A 362 6.92 -7.82 16.03
N TRP A 363 6.30 -8.60 16.90
CA TRP A 363 5.99 -8.14 18.25
C TRP A 363 7.25 -7.65 18.98
N GLN A 364 8.35 -8.37 18.83
CA GLN A 364 9.61 -8.08 19.52
C GLN A 364 10.32 -6.85 19.00
N GLN A 365 9.94 -6.32 17.84
CA GLN A 365 10.65 -5.14 17.28
C GLN A 365 10.32 -3.85 18.00
N GLN A 366 11.20 -2.86 17.87
CA GLN A 366 10.94 -1.50 18.30
C GLN A 366 10.66 -0.64 17.06
N PRO A 367 10.02 0.52 17.23
CA PRO A 367 9.88 1.43 16.11
C PRO A 367 11.25 1.84 15.49
N PRO A 368 11.30 2.07 14.18
CA PRO A 368 12.56 2.33 13.48
C PRO A 368 13.07 3.73 13.77
N THR A 369 14.40 3.87 13.76
CA THR A 369 15.03 5.20 13.80
C THR A 369 16.07 5.30 12.68
N GLY A 370 16.56 6.52 12.49
CA GLY A 370 17.62 6.80 11.54
C GLY A 370 17.10 6.94 10.10
N GLN A 371 18.03 6.91 9.17
CA GLN A 371 17.81 7.38 7.79
C GLN A 371 16.78 6.58 6.96
N TYR A 372 16.57 5.29 7.30
CA TYR A 372 15.68 4.41 6.51
C TYR A 372 14.29 4.16 7.15
N ARG A 373 13.93 5.00 8.15
CA ARG A 373 12.79 4.70 8.99
C ARG A 373 11.45 4.89 8.31
N TYR A 374 11.39 5.62 7.19
CA TYR A 374 10.10 5.86 6.52
C TYR A 374 9.49 4.57 6.00
N TYR A 375 10.19 3.85 5.12
CA TYR A 375 9.58 2.69 4.50
C TYR A 375 9.41 1.54 5.52
N ASP A 376 10.47 1.28 6.28
CA ASP A 376 10.37 0.40 7.46
C ASP A 376 9.19 0.78 8.37
N GLY A 377 9.00 2.07 8.65
CA GLY A 377 7.99 2.50 9.59
C GLY A 377 6.57 2.41 9.12
N VAL A 378 6.29 2.81 7.89
CA VAL A 378 4.91 2.73 7.41
C VAL A 378 4.49 1.26 7.25
N LEU A 379 5.41 0.41 6.79
CA LEU A 379 5.12 -1.02 6.73
C LEU A 379 4.92 -1.59 8.14
N TYR A 380 5.83 -1.25 9.05
CA TYR A 380 5.66 -1.64 10.48
C TYR A 380 4.31 -1.33 11.07
N LEU A 381 3.88 -0.07 10.95
CA LEU A 381 2.64 0.34 11.59
C LEU A 381 1.44 -0.32 10.91
N MET A 382 1.45 -0.44 9.59
CA MET A 382 0.38 -1.18 8.90
C MET A 382 0.34 -2.63 9.35
N ALA A 383 1.51 -3.26 9.49
CA ALA A 383 1.55 -4.67 9.92
C ALA A 383 1.06 -4.85 11.38
N LEU A 384 1.43 -3.91 12.26
CA LEU A 384 0.91 -3.93 13.65
C LEU A 384 -0.63 -3.89 13.66
N LEU A 385 -1.20 -3.03 12.83
CA LEU A 385 -2.64 -2.90 12.80
C LEU A 385 -3.32 -4.16 12.28
N HIS A 386 -2.82 -4.73 11.17
CA HIS A 386 -3.34 -6.00 10.66
C HIS A 386 -3.28 -7.11 11.73
N CYS A 387 -2.09 -7.25 12.34
CA CYS A 387 -1.87 -8.32 13.34
C CYS A 387 -2.63 -8.12 14.67
N ALA A 388 -2.97 -6.87 15.00
CA ALA A 388 -3.79 -6.58 16.18
C ALA A 388 -5.33 -6.69 15.96
N GLY A 389 -5.76 -7.04 14.74
CA GLY A 389 -7.20 -7.03 14.40
C GLY A 389 -7.80 -5.63 14.37
N GLU A 390 -7.00 -4.63 14.01
CA GLU A 390 -7.40 -3.24 14.01
C GLU A 390 -7.43 -2.61 12.61
N TYR A 391 -7.19 -3.40 11.57
CA TYR A 391 -7.18 -2.89 10.20
C TYR A 391 -8.37 -3.54 9.52
N LYS A 392 -9.42 -2.75 9.33
CA LYS A 392 -10.73 -3.27 8.99
C LYS A 392 -11.29 -2.63 7.74
N ALA A 393 -12.26 -3.31 7.15
CA ALA A 393 -13.01 -2.78 6.02
C ALA A 393 -14.12 -1.89 6.57
N TRP A 394 -13.96 -0.58 6.39
CA TRP A 394 -14.94 0.43 6.81
C TRP A 394 -15.78 0.86 5.59
N ILE A 395 -16.90 0.15 5.34
CA ILE A 395 -17.60 0.29 4.08
C ILE A 395 -18.70 1.34 4.20
N PRO A 396 -18.64 2.41 3.39
CA PRO A 396 -19.62 3.50 3.50
C PRO A 396 -21.01 3.15 2.94
O1 XYP B . 20.31 -1.62 5.25
C1 XYP B . 18.90 -1.78 5.03
C2 XYP B . 18.06 -0.72 5.79
C3 XYP B . 16.61 -0.85 5.33
C4 XYP B . 16.51 -0.69 3.83
C5 XYP B . 17.38 -1.72 3.14
O2 XYP B . 18.13 -0.87 7.20
O3 XYP B . 15.68 0.07 5.93
O4 XYP B . 15.15 -0.98 3.50
O5 XYP B . 18.72 -1.61 3.62
C1 XYP B . 14.53 -0.12 2.56
C2 XYP B . 14.40 1.32 3.07
C3 XYP B . 13.69 2.14 1.98
C4 XYP B . 14.37 2.00 0.62
C5 XYP B . 14.47 0.54 0.26
O2 XYP B . 13.68 1.30 4.31
O3 XYP B . 13.61 3.48 2.41
O4 XYP B . 13.75 2.67 -0.50
O5 XYP B . 15.23 -0.14 1.30
C1 XYP B . 12.36 2.46 -0.69
C2 XYP B . 11.65 3.83 -0.81
C3 XYP B . 10.21 3.67 -1.34
C4 XYP B . 10.24 2.81 -2.62
C5 XYP B . 10.84 1.45 -2.23
O2 XYP B . 11.61 4.53 0.45
O3 XYP B . 9.65 4.95 -1.65
O4 XYP B . 8.92 2.70 -3.21
O5 XYP B . 12.22 1.67 -1.87
C1 XYP B . 8.88 2.25 -4.57
C2 XYP B . 7.40 2.25 -5.00
C3 XYP B . 6.88 3.66 -5.27
C4 XYP B . 7.80 4.42 -6.18
C5 XYP B . 9.22 4.43 -5.59
O2 XYP B . 7.23 1.43 -6.17
O3 XYP B . 6.84 4.48 -4.09
O4 XYP B . 7.78 3.80 -7.48
O5 XYP B . 9.70 3.08 -5.41
C1 XYP B . 8.12 4.70 -8.54
C2 XYP B . 9.17 4.07 -9.43
C3 XYP B . 9.53 5.00 -10.56
C4 XYP B . 8.21 5.23 -11.26
C5 XYP B . 7.11 5.78 -10.40
O2 XYP B . 10.35 3.87 -8.69
O3 XYP B . 10.47 4.35 -11.40
O4 XYP B . 8.47 6.25 -12.18
O5 XYP B . 6.95 4.94 -9.28
C1 XYP C . 8.30 6.14 -13.80
C2 XYP C . 8.00 7.38 -14.60
C3 XYP C . 7.50 7.01 -15.96
C4 XYP C . 8.36 5.88 -16.52
C5 XYP C . 8.28 4.68 -15.60
O2 XYP C . 7.09 8.23 -13.92
O3 XYP C . 7.60 8.21 -16.71
O4 XYP C . 7.89 5.41 -17.76
O5 XYP C . 8.90 5.01 -14.40
C1 GOL D . 12.31 5.77 -14.02
O1 GOL D . 11.95 6.46 -12.82
C2 GOL D . 12.33 6.77 -15.16
O2 GOL D . 13.28 7.78 -14.81
C3 GOL D . 12.71 6.11 -16.49
O3 GOL D . 12.30 6.92 -17.61
#